data_3MLJ
#
_entry.id   3MLJ
#
_cell.length_a   69.226
_cell.length_b   68.860
_cell.length_c   81.744
_cell.angle_alpha   90.00
_cell.angle_beta   90.00
_cell.angle_gamma   90.00
#
_symmetry.space_group_name_H-M   'P 21 21 21'
#
loop_
_entity.id
_entity.type
_entity.pdbx_description
1 polymer 'Peptidyl-glycine alpha-amidating monooxygenase'
2 non-polymer 'COPPER (II) ION'
3 non-polymer 'NICKEL (II) ION'
4 non-polymer 'CARBON MONOXIDE'
5 non-polymer 'ACETATE ION'
6 non-polymer GLYCEROL
7 water water
#
_entity_poly.entity_id   1
_entity_poly.type   'polypeptide(L)'
_entity_poly.pdbx_seq_one_letter_code
;FSNECLGTIGPVTPLDASDFALDIRMPGVTPKESDTYFCMSMRLPVDEEAFVIDFKPRASMDTVHHMLLFGCNMPSSTGS
YWFCDEGTCTDKANILYAWARNAPPTRLPKGVGFRVGGETGSKYFVLQVHYGDISAFRDNHKDCSGVSVHLTRVPQPLIA
GMYLMMSVDTVIPPGEKVVNADISCQYKMYPMHVFAYRVHTHHLGKVVSGYRVRNGQWTLIGRQNPQLPQAFYPVEHPVD
VTFGDILAARCVFTGEGRTEATHIGGTSSDEMCNLYIMYYMEAKYALSFMTCTKNVAPDMFRTIPAEANIPIPV
;
_entity_poly.pdbx_strand_id   A
#
loop_
_chem_comp.id
_chem_comp.type
_chem_comp.name
_chem_comp.formula
ACT non-polymer 'ACETATE ION' 'C2 H3 O2 -1'
CMO non-polymer 'CARBON MONOXIDE' 'C O'
CU non-polymer 'COPPER (II) ION' 'Cu 2'
GOL non-polymer GLYCEROL 'C3 H8 O3'
NI non-polymer 'NICKEL (II) ION' 'Ni 2'
#
# COMPACT_ATOMS: atom_id res chain seq x y z
N GLU A 4 -22.98 -2.52 -12.42
CA GLU A 4 -22.23 -1.48 -11.68
C GLU A 4 -21.55 -0.48 -12.61
N CYS A 5 -21.47 -0.82 -13.89
CA CYS A 5 -20.85 0.05 -14.89
C CYS A 5 -21.43 1.46 -14.89
N LEU A 6 -20.53 2.44 -14.91
CA LEU A 6 -20.91 3.84 -15.02
C LEU A 6 -21.45 4.07 -16.41
N GLY A 7 -22.67 4.59 -16.48
CA GLY A 7 -23.25 4.87 -17.76
C GLY A 7 -23.16 6.34 -18.04
N THR A 8 -24.32 6.93 -18.28
CA THR A 8 -24.46 8.30 -18.71
C THR A 8 -24.08 9.32 -17.62
N ILE A 9 -24.13 8.92 -16.36
CA ILE A 9 -23.82 9.86 -15.26
C ILE A 9 -22.32 10.12 -15.03
N GLY A 10 -21.46 9.21 -15.48
CA GLY A 10 -20.01 9.41 -15.35
C GLY A 10 -19.45 9.23 -13.95
N PRO A 11 -18.15 9.54 -13.74
CA PRO A 11 -17.40 9.18 -12.53
C PRO A 11 -17.48 10.18 -11.36
N VAL A 12 -18.11 11.32 -11.56
CA VAL A 12 -18.09 12.41 -10.58
C VAL A 12 -19.48 12.70 -10.02
N THR A 13 -19.66 12.42 -8.74
CA THR A 13 -20.91 12.71 -8.04
C THR A 13 -20.75 13.93 -7.13
N PRO A 14 -21.61 14.95 -7.32
CA PRO A 14 -21.61 16.07 -6.37
C PRO A 14 -22.16 15.62 -5.01
N LEU A 15 -21.38 15.83 -3.94
CA LEU A 15 -21.85 15.51 -2.59
C LEU A 15 -22.44 16.73 -1.87
N ASP A 16 -21.72 17.84 -1.93
CA ASP A 16 -22.24 19.16 -1.53
C ASP A 16 -21.33 20.26 -2.09
N ALA A 17 -21.40 21.47 -1.51
CA ALA A 17 -20.62 22.61 -1.97
C ALA A 17 -19.14 22.28 -2.29
N SER A 18 -18.49 21.59 -1.37
CA SER A 18 -17.03 21.41 -1.44
C SER A 18 -16.57 19.95 -1.48
N ASP A 19 -17.52 19.01 -1.49
CA ASP A 19 -17.21 17.58 -1.52
C ASP A 19 -17.74 16.89 -2.77
N PHE A 20 -16.98 15.93 -3.27
CA PHE A 20 -17.44 15.08 -4.35
C PHE A 20 -16.90 13.66 -4.24
N ALA A 21 -17.66 12.73 -4.80
CA ALA A 21 -17.20 11.35 -4.92
C ALA A 21 -16.70 11.14 -6.34
N LEU A 22 -15.50 10.57 -6.44
CA LEU A 22 -14.92 10.20 -7.72
C LEU A 22 -14.85 8.68 -7.79
N ASP A 23 -15.55 8.12 -8.78
CA ASP A 23 -15.54 6.69 -9.01
C ASP A 23 -14.44 6.31 -9.99
N ILE A 24 -13.53 5.47 -9.51
CA ILE A 24 -12.38 5.00 -10.27
C ILE A 24 -12.62 3.51 -10.59
N ARG A 25 -13.01 3.24 -11.85
CA ARG A 25 -13.42 1.90 -12.26
C ARG A 25 -12.77 1.46 -13.55
N MET A 26 -12.57 0.15 -13.68
CA MET A 26 -12.10 -0.47 -14.93
C MET A 26 -13.10 -0.23 -16.06
N PRO A 27 -12.61 0.14 -17.27
CA PRO A 27 -13.53 0.49 -18.38
C PRO A 27 -14.18 -0.72 -19.06
N GLY A 28 -14.86 -1.55 -18.28
CA GLY A 28 -15.53 -2.73 -18.80
C GLY A 28 -14.55 -3.73 -19.38
N VAL A 29 -13.65 -4.24 -18.54
CA VAL A 29 -12.62 -5.17 -18.98
C VAL A 29 -13.08 -6.63 -18.87
N THR A 30 -12.45 -7.50 -19.65
CA THR A 30 -12.76 -8.93 -19.65
C THR A 30 -11.47 -9.76 -19.72
N PRO A 31 -10.92 -10.14 -18.55
CA PRO A 31 -9.72 -10.96 -18.47
C PRO A 31 -9.89 -12.32 -19.16
N LYS A 32 -8.82 -12.80 -19.79
CA LYS A 32 -8.85 -14.05 -20.54
C LYS A 32 -8.00 -15.14 -19.86
N GLU A 33 -7.27 -14.75 -18.82
CA GLU A 33 -6.41 -15.66 -18.07
C GLU A 33 -6.52 -15.42 -16.57
N SER A 34 -6.17 -16.42 -15.77
CA SER A 34 -6.17 -16.32 -14.32
C SER A 34 -5.05 -15.39 -13.83
N ASP A 35 -5.22 -14.85 -12.62
CA ASP A 35 -4.25 -13.94 -12.00
C ASP A 35 -3.80 -12.80 -12.93
N THR A 36 -4.78 -12.11 -13.49
CA THR A 36 -4.54 -10.97 -14.37
C THR A 36 -4.54 -9.66 -13.59
N TYR A 37 -3.48 -8.88 -13.76
CA TYR A 37 -3.36 -7.58 -13.11
C TYR A 37 -3.61 -6.47 -14.12
N PHE A 38 -4.72 -5.77 -13.94
CA PHE A 38 -5.07 -4.64 -14.79
C PHE A 38 -4.89 -3.32 -14.04
N CYS A 39 -4.33 -2.32 -14.73
CA CYS A 39 -4.17 -0.97 -14.20
C CYS A 39 -4.86 0.04 -15.11
N MET A 40 -5.37 1.11 -14.51
CA MET A 40 -5.93 2.26 -15.23
C MET A 40 -5.68 3.53 -14.43
N SER A 41 -5.76 4.68 -15.08
CA SER A 41 -5.54 5.95 -14.38
C SER A 41 -6.71 6.91 -14.52
N MET A 42 -6.77 7.88 -13.61
CA MET A 42 -7.74 8.99 -13.65
CA MET A 42 -7.71 8.99 -13.69
C MET A 42 -7.03 10.26 -13.20
N ARG A 43 -7.04 11.29 -14.05
CA ARG A 43 -6.57 12.59 -13.60
CA ARG A 43 -6.61 12.64 -13.65
C ARG A 43 -7.54 13.12 -12.56
N LEU A 44 -7.02 13.82 -11.56
CA LEU A 44 -7.91 14.48 -10.61
C LEU A 44 -8.66 15.54 -11.40
N PRO A 45 -9.99 15.63 -11.20
CA PRO A 45 -10.78 16.60 -11.96
C PRO A 45 -10.58 18.06 -11.51
N VAL A 46 -9.91 18.25 -10.37
CA VAL A 46 -9.55 19.57 -9.86
C VAL A 46 -8.04 19.75 -9.80
N ASP A 47 -7.58 20.97 -10.10
CA ASP A 47 -6.16 21.33 -9.99
C ASP A 47 -5.76 21.73 -8.60
N GLU A 48 -6.62 22.45 -7.89
CA GLU A 48 -6.34 22.90 -6.53
C GLU A 48 -6.16 21.71 -5.58
N GLU A 49 -5.51 21.97 -4.45
CA GLU A 49 -5.29 20.94 -3.43
C GLU A 49 -6.62 20.37 -2.96
N ALA A 50 -6.67 19.05 -2.81
CA ALA A 50 -7.84 18.38 -2.29
C ALA A 50 -7.41 17.30 -1.30
N PHE A 51 -8.37 16.80 -0.55
CA PHE A 51 -8.09 15.86 0.51
C PHE A 51 -8.94 14.62 0.33
N VAL A 52 -8.30 13.46 0.29
CA VAL A 52 -9.00 12.18 0.23
C VAL A 52 -9.31 11.71 1.65
N ILE A 53 -10.60 11.65 1.95
CA ILE A 53 -11.07 11.43 3.32
C ILE A 53 -11.88 10.13 3.51
N ASP A 54 -12.16 9.43 2.41
CA ASP A 54 -12.85 8.16 2.47
C ASP A 54 -12.68 7.34 1.20
N PHE A 55 -12.88 6.04 1.31
CA PHE A 55 -12.77 5.11 0.19
C PHE A 55 -13.90 4.11 0.34
N LYS A 56 -14.64 3.85 -0.74
CA LYS A 56 -15.64 2.79 -0.75
C LYS A 56 -15.36 1.83 -1.90
N PRO A 57 -15.20 0.52 -1.58
CA PRO A 57 -14.85 -0.45 -2.61
C PRO A 57 -16.04 -0.83 -3.49
N ARG A 58 -15.79 -0.98 -4.79
CA ARG A 58 -16.80 -1.43 -5.74
C ARG A 58 -16.30 -2.67 -6.48
N ALA A 59 -16.18 -3.77 -5.73
CA ALA A 59 -15.58 -4.98 -6.25
C ALA A 59 -16.63 -6.04 -6.59
N SER A 60 -16.35 -6.82 -7.63
CA SER A 60 -17.14 -8.01 -7.92
C SER A 60 -16.71 -9.09 -6.94
N MET A 61 -17.65 -9.56 -6.13
CA MET A 61 -17.34 -10.51 -5.06
C MET A 61 -17.07 -11.93 -5.59
N ASP A 62 -17.19 -12.09 -6.91
CA ASP A 62 -16.99 -13.38 -7.55
C ASP A 62 -15.69 -13.49 -8.36
N THR A 63 -15.00 -12.36 -8.57
CA THR A 63 -13.82 -12.35 -9.45
C THR A 63 -12.61 -11.50 -9.00
N VAL A 64 -12.83 -10.52 -8.14
CA VAL A 64 -11.73 -9.63 -7.72
C VAL A 64 -11.03 -10.14 -6.45
N HIS A 65 -9.74 -10.44 -6.58
CA HIS A 65 -8.93 -10.92 -5.47
C HIS A 65 -8.44 -9.76 -4.59
N HIS A 66 -7.85 -8.74 -5.22
CA HIS A 66 -7.50 -7.52 -4.50
C HIS A 66 -7.50 -6.28 -5.39
N MET A 67 -7.51 -5.12 -4.76
CA MET A 67 -7.41 -3.83 -5.44
C MET A 67 -6.48 -2.93 -4.65
N LEU A 68 -5.66 -2.17 -5.37
CA LEU A 68 -4.81 -1.14 -4.78
C LEU A 68 -5.03 0.18 -5.50
N LEU A 69 -5.08 1.26 -4.73
CA LEU A 69 -5.14 2.59 -5.32
C LEU A 69 -3.89 3.38 -4.92
N PHE A 70 -3.30 4.05 -5.90
CA PHE A 70 -2.07 4.84 -5.74
C PHE A 70 -2.32 6.27 -6.16
N GLY A 71 -1.51 7.18 -5.64
CA GLY A 71 -1.45 8.54 -6.17
C GLY A 71 -0.10 8.75 -6.82
N CYS A 72 -0.07 9.41 -7.97
CA CYS A 72 1.18 9.74 -8.64
C CYS A 72 0.99 10.80 -9.73
N ASN A 73 2.10 11.24 -10.33
CA ASN A 73 2.03 12.27 -11.34
C ASN A 73 2.25 11.75 -12.76
N MET A 74 2.85 10.57 -12.88
CA MET A 74 3.19 10.00 -14.20
CA MET A 74 3.17 10.01 -14.19
C MET A 74 2.76 8.53 -14.29
N PRO A 75 1.47 8.28 -14.61
CA PRO A 75 1.05 6.88 -14.81
C PRO A 75 1.87 6.24 -15.92
N SER A 76 2.11 4.94 -15.81
CA SER A 76 2.98 4.20 -16.73
C SER A 76 2.48 4.09 -18.17
N SER A 77 1.18 4.33 -18.37
CA SER A 77 0.59 4.27 -19.70
C SER A 77 -0.37 5.44 -19.94
N THR A 78 -0.52 5.83 -21.20
CA THR A 78 -1.49 6.84 -21.61
C THR A 78 -2.78 6.17 -22.07
N GLY A 79 -2.80 4.84 -22.00
CA GLY A 79 -3.91 4.05 -22.55
C GLY A 79 -5.12 3.94 -21.64
N SER A 80 -6.20 3.42 -22.21
CA SER A 80 -7.46 3.16 -21.50
C SER A 80 -7.24 2.27 -20.28
N TYR A 81 -6.55 1.16 -20.47
CA TYR A 81 -6.10 0.29 -19.39
C TYR A 81 -4.90 -0.51 -19.87
N TRP A 82 -4.12 -1.03 -18.91
CA TRP A 82 -2.92 -1.80 -19.25
C TRP A 82 -2.68 -2.92 -18.25
N PHE A 83 -1.79 -3.84 -18.60
CA PHE A 83 -1.32 -4.87 -17.68
C PHE A 83 -0.30 -4.25 -16.74
N CYS A 84 -0.49 -4.41 -15.44
CA CYS A 84 0.37 -3.75 -14.44
C CYS A 84 1.83 -4.22 -14.46
N ASP A 85 2.11 -5.24 -15.28
CA ASP A 85 3.48 -5.68 -15.58
C ASP A 85 4.30 -4.59 -16.27
N GLU A 86 3.62 -3.74 -17.06
CA GLU A 86 4.23 -2.58 -17.69
C GLU A 86 4.67 -1.55 -16.65
N GLY A 87 3.96 -1.54 -15.52
CA GLY A 87 4.25 -0.63 -14.42
C GLY A 87 2.98 0.05 -13.92
N THR A 88 3.06 0.66 -12.75
CA THR A 88 1.96 1.43 -12.18
C THR A 88 2.16 2.90 -12.55
N CYS A 89 3.20 3.50 -11.99
CA CYS A 89 3.59 4.88 -12.26
C CYS A 89 5.07 4.89 -12.57
N THR A 90 5.51 5.81 -13.44
CA THR A 90 6.93 5.93 -13.73
C THR A 90 7.67 6.76 -12.66
N ASP A 91 6.97 7.74 -12.08
CA ASP A 91 7.42 8.33 -10.82
C ASP A 91 6.98 7.41 -9.67
N LYS A 92 7.20 7.82 -8.42
CA LYS A 92 6.86 6.99 -7.26
CA LYS A 92 6.87 6.99 -7.26
C LYS A 92 5.35 6.88 -7.07
N ALA A 93 4.89 5.63 -6.99
CA ALA A 93 3.48 5.38 -6.75
C ALA A 93 3.24 5.41 -5.24
N ASN A 94 2.38 6.32 -4.80
CA ASN A 94 2.05 6.43 -3.39
C ASN A 94 0.77 5.68 -3.06
N ILE A 95 0.88 4.53 -2.39
CA ILE A 95 -0.29 3.74 -1.99
C ILE A 95 -1.21 4.51 -1.03
N LEU A 96 -2.50 4.47 -1.32
CA LEU A 96 -3.50 5.18 -0.52
C LEU A 96 -4.49 4.24 0.12
N TYR A 97 -4.66 3.07 -0.50
CA TYR A 97 -5.77 2.18 -0.20
C TYR A 97 -5.55 0.81 -0.76
N ALA A 98 -5.85 -0.19 0.05
CA ALA A 98 -5.77 -1.59 -0.36
C ALA A 98 -7.07 -2.27 0.02
N TRP A 99 -7.63 -3.00 -0.93
CA TRP A 99 -8.81 -3.81 -0.66
C TRP A 99 -8.43 -5.26 -0.91
N ALA A 100 -8.64 -6.09 0.11
CA ALA A 100 -8.29 -7.49 0.00
C ALA A 100 -9.49 -8.37 0.27
N ARG A 101 -9.70 -9.36 -0.60
CA ARG A 101 -10.74 -10.37 -0.43
CA ARG A 101 -10.75 -10.35 -0.41
C ARG A 101 -10.51 -11.10 0.90
N ASN A 102 -11.58 -11.20 1.69
CA ASN A 102 -11.58 -11.95 2.96
C ASN A 102 -10.84 -11.24 4.11
N ALA A 103 -10.45 -9.99 3.88
CA ALA A 103 -9.87 -9.15 4.91
C ALA A 103 -10.37 -7.74 4.70
N PRO A 104 -11.51 -7.39 5.34
CA PRO A 104 -12.20 -6.11 5.16
C PRO A 104 -11.37 -4.90 5.58
N PRO A 105 -11.41 -3.81 4.78
CA PRO A 105 -10.60 -2.64 5.11
C PRO A 105 -11.11 -1.90 6.35
N THR A 106 -10.25 -1.08 6.94
CA THR A 106 -10.62 -0.22 8.06
C THR A 106 -10.69 1.23 7.58
N ARG A 107 -11.70 1.95 8.03
CA ARG A 107 -11.92 3.34 7.67
C ARG A 107 -10.77 4.23 8.17
N LEU A 108 -10.47 5.30 7.43
CA LEU A 108 -9.64 6.39 7.93
C LEU A 108 -10.26 7.00 9.20
N PRO A 109 -9.44 7.33 10.21
CA PRO A 109 -9.96 8.06 11.37
C PRO A 109 -10.55 9.40 10.91
N LYS A 110 -11.63 9.83 11.53
CA LYS A 110 -12.25 11.11 11.14
C LYS A 110 -11.31 12.28 11.50
N GLY A 111 -11.23 13.25 10.59
CA GLY A 111 -10.27 14.34 10.71
C GLY A 111 -8.99 14.09 9.93
N VAL A 112 -8.84 12.86 9.40
CA VAL A 112 -7.64 12.45 8.70
C VAL A 112 -7.89 12.39 7.19
N GLY A 113 -7.02 13.02 6.41
CA GLY A 113 -7.08 12.91 4.95
C GLY A 113 -5.73 12.89 4.26
N PHE A 114 -5.65 12.22 3.10
CA PHE A 114 -4.48 12.33 2.24
C PHE A 114 -4.58 13.63 1.45
N ARG A 115 -3.47 14.36 1.36
CA ARG A 115 -3.49 15.52 0.50
C ARG A 115 -3.07 15.12 -0.91
N VAL A 116 -3.81 15.63 -1.89
CA VAL A 116 -3.58 15.37 -3.31
C VAL A 116 -3.81 16.65 -4.12
N GLY A 117 -3.48 16.61 -5.42
CA GLY A 117 -3.66 17.77 -6.29
C GLY A 117 -2.79 18.94 -5.85
N GLY A 118 -3.09 20.12 -6.38
CA GLY A 118 -2.34 21.32 -6.05
C GLY A 118 -0.98 21.27 -6.69
N GLU A 119 -0.04 22.03 -6.10
CA GLU A 119 1.30 22.16 -6.66
C GLU A 119 2.20 20.96 -6.40
N THR A 120 1.98 20.25 -5.28
CA THR A 120 2.90 19.20 -4.86
C THR A 120 2.25 17.83 -4.67
N GLY A 121 0.92 17.78 -4.69
CA GLY A 121 0.20 16.52 -4.45
C GLY A 121 -0.01 15.75 -5.73
N SER A 122 -0.45 14.50 -5.59
CA SER A 122 -0.65 13.62 -6.73
C SER A 122 -1.62 14.21 -7.74
N LYS A 123 -1.24 14.15 -9.01
CA LYS A 123 -2.12 14.64 -10.08
C LYS A 123 -3.00 13.54 -10.70
N TYR A 124 -2.69 12.28 -10.37
CA TYR A 124 -3.42 11.13 -10.91
C TYR A 124 -3.69 10.09 -9.85
N PHE A 125 -4.78 9.35 -10.02
CA PHE A 125 -5.00 8.10 -9.30
C PHE A 125 -4.74 6.96 -10.28
N VAL A 126 -4.00 5.96 -9.83
CA VAL A 126 -3.85 4.71 -10.56
C VAL A 126 -4.47 3.58 -9.74
N LEU A 127 -5.32 2.80 -10.39
CA LEU A 127 -6.00 1.69 -9.76
C LEU A 127 -5.51 0.36 -10.31
N GLN A 128 -5.07 -0.52 -9.42
CA GLN A 128 -4.72 -1.88 -9.79
C GLN A 128 -5.82 -2.85 -9.35
N VAL A 129 -6.29 -3.67 -10.28
CA VAL A 129 -7.25 -4.74 -9.98
C VAL A 129 -6.65 -6.11 -10.28
N HIS A 130 -6.59 -6.94 -9.25
CA HIS A 130 -6.11 -8.29 -9.37
C HIS A 130 -7.30 -9.24 -9.55
N TYR A 131 -7.42 -9.79 -10.76
CA TYR A 131 -8.48 -10.75 -11.05
C TYR A 131 -7.97 -12.16 -10.80
N GLY A 132 -8.61 -12.84 -9.86
CA GLY A 132 -8.21 -14.20 -9.50
C GLY A 132 -8.89 -15.23 -10.37
N ASP A 133 -9.95 -15.82 -9.82
CA ASP A 133 -10.78 -16.79 -10.54
C ASP A 133 -11.58 -16.09 -11.64
N ILE A 134 -11.30 -16.43 -12.90
CA ILE A 134 -11.96 -15.80 -14.04
C ILE A 134 -13.08 -16.67 -14.64
N SER A 135 -13.53 -17.65 -13.86
CA SER A 135 -14.61 -18.55 -14.28
C SER A 135 -15.96 -17.82 -14.41
N ALA A 136 -16.07 -16.66 -13.75
CA ALA A 136 -17.27 -15.82 -13.85
C ALA A 136 -17.33 -15.10 -15.19
N PHE A 137 -16.18 -14.93 -15.84
CA PHE A 137 -16.10 -14.29 -17.16
C PHE A 137 -16.41 -15.26 -18.32
N ARG A 138 -17.16 -16.33 -18.02
CA ARG A 138 -17.70 -17.22 -19.04
C ARG A 138 -18.81 -16.51 -19.83
N ASP A 139 -19.46 -15.56 -19.16
CA ASP A 139 -20.43 -14.65 -19.77
C ASP A 139 -19.81 -13.77 -20.85
N ASN A 140 -18.49 -13.59 -20.77
CA ASN A 140 -17.73 -12.63 -21.57
C ASN A 140 -18.15 -11.20 -21.21
N HIS A 141 -18.64 -11.03 -19.99
CA HIS A 141 -19.16 -9.77 -19.49
C HIS A 141 -18.05 -8.77 -19.20
N LYS A 142 -18.39 -7.49 -19.29
CA LYS A 142 -17.46 -6.39 -19.03
C LYS A 142 -17.48 -6.03 -17.55
N ASP A 143 -16.29 -5.93 -16.95
CA ASP A 143 -16.15 -5.66 -15.52
C ASP A 143 -15.76 -4.20 -15.26
N CYS A 144 -16.50 -3.55 -14.35
CA CYS A 144 -16.20 -2.18 -13.94
C CYS A 144 -15.96 -2.06 -12.44
N SER A 145 -15.23 -3.04 -11.88
CA SER A 145 -14.80 -3.00 -10.49
C SER A 145 -13.80 -1.86 -10.26
N GLY A 146 -13.87 -1.28 -9.07
CA GLY A 146 -12.92 -0.25 -8.68
C GLY A 146 -13.26 0.34 -7.33
N VAL A 147 -13.00 1.64 -7.18
CA VAL A 147 -13.14 2.29 -5.88
C VAL A 147 -13.76 3.68 -6.02
N SER A 148 -14.69 4.00 -5.12
CA SER A 148 -15.22 5.35 -4.99
CA SER A 148 -15.21 5.35 -5.00
C SER A 148 -14.45 6.11 -3.92
N VAL A 149 -13.83 7.22 -4.31
CA VAL A 149 -13.09 8.04 -3.38
C VAL A 149 -13.85 9.32 -3.04
N HIS A 150 -13.86 9.65 -1.75
CA HIS A 150 -14.51 10.87 -1.27
C HIS A 150 -13.44 11.96 -1.14
N LEU A 151 -13.55 13.00 -1.98
CA LEU A 151 -12.66 14.15 -1.92
C LEU A 151 -13.36 15.35 -1.28
N THR A 152 -12.57 16.18 -0.61
CA THR A 152 -13.05 17.46 -0.11
C THR A 152 -12.00 18.56 -0.28
N ARG A 153 -12.49 19.80 -0.37
CA ARG A 153 -11.64 20.97 -0.48
C ARG A 153 -11.27 21.48 0.92
N VAL A 154 -12.02 21.03 1.92
CA VAL A 154 -11.88 21.50 3.29
C VAL A 154 -10.59 20.93 3.88
N PRO A 155 -9.63 21.79 4.27
CA PRO A 155 -8.40 21.28 4.86
C PRO A 155 -8.64 20.41 6.09
N GLN A 156 -7.90 19.31 6.19
CA GLN A 156 -8.12 18.36 7.27
C GLN A 156 -7.11 18.63 8.40
N PRO A 157 -7.56 18.53 9.67
CA PRO A 157 -6.64 18.83 10.77
C PRO A 157 -5.47 17.85 10.84
N LEU A 158 -5.67 16.66 10.31
CA LEU A 158 -4.68 15.59 10.37
C LEU A 158 -4.43 15.02 8.98
N ILE A 159 -3.17 14.94 8.59
CA ILE A 159 -2.81 14.52 7.24
C ILE A 159 -2.27 13.09 7.28
N ALA A 160 -2.83 12.23 6.42
CA ALA A 160 -2.35 10.87 6.26
C ALA A 160 -1.16 10.83 5.32
N GLY A 161 -0.20 9.96 5.66
CA GLY A 161 0.94 9.67 4.82
C GLY A 161 1.41 8.23 4.94
N MET A 162 2.49 7.91 4.24
CA MET A 162 3.01 6.55 4.19
C MET A 162 4.51 6.53 4.49
N TYR A 163 4.90 5.70 5.46
CA TYR A 163 6.31 5.39 5.64
C TYR A 163 6.57 4.02 5.04
N LEU A 164 7.31 3.97 3.93
CA LEU A 164 7.65 2.71 3.26
C LEU A 164 9.04 2.20 3.64
N MET A 165 9.08 1.03 4.26
CA MET A 165 10.31 0.31 4.52
C MET A 165 10.45 -0.80 3.45
N MET A 166 11.53 -0.77 2.68
CA MET A 166 11.72 -1.79 1.65
C MET A 166 13.16 -2.26 1.48
N SER A 167 13.32 -3.56 1.29
CA SER A 167 14.61 -4.17 1.01
C SER A 167 14.98 -3.97 -0.44
N VAL A 168 16.27 -3.86 -0.71
CA VAL A 168 16.77 -3.74 -2.08
C VAL A 168 17.86 -4.77 -2.39
N ASP A 169 18.69 -5.10 -1.40
CA ASP A 169 19.89 -5.93 -1.58
C ASP A 169 19.74 -7.44 -1.29
N THR A 170 18.54 -7.85 -0.89
CA THR A 170 18.29 -9.21 -0.41
C THR A 170 18.64 -10.27 -1.44
N VAL A 171 19.42 -11.27 -1.01
CA VAL A 171 19.72 -12.44 -1.83
C VAL A 171 19.37 -13.69 -1.04
N ILE A 172 18.49 -14.52 -1.61
CA ILE A 172 18.01 -15.74 -0.96
C ILE A 172 18.57 -16.95 -1.71
N PRO A 173 19.63 -17.58 -1.16
CA PRO A 173 20.23 -18.73 -1.86
C PRO A 173 19.25 -19.89 -1.89
N PRO A 174 19.29 -20.73 -2.95
CA PRO A 174 18.35 -21.84 -3.08
C PRO A 174 18.48 -22.87 -1.96
N GLY A 175 17.34 -23.33 -1.44
CA GLY A 175 17.31 -24.35 -0.38
C GLY A 175 17.48 -23.79 1.02
N GLU A 176 18.03 -22.58 1.12
CA GLU A 176 18.35 -21.93 2.41
C GLU A 176 17.11 -21.83 3.29
N LYS A 177 17.18 -22.48 4.46
CA LYS A 177 16.05 -22.54 5.38
C LYS A 177 15.54 -21.17 5.82
N VAL A 178 16.48 -20.29 6.19
CA VAL A 178 16.13 -18.99 6.76
C VAL A 178 17.04 -17.90 6.18
N VAL A 179 16.41 -16.87 5.62
CA VAL A 179 17.08 -15.65 5.20
C VAL A 179 16.32 -14.45 5.77
N ASN A 180 17.04 -13.60 6.50
CA ASN A 180 16.46 -12.37 7.03
C ASN A 180 16.76 -11.19 6.13
N ALA A 181 15.75 -10.35 5.90
CA ALA A 181 15.92 -9.08 5.23
C ALA A 181 15.64 -7.99 6.26
N ASP A 182 16.70 -7.29 6.69
CA ASP A 182 16.57 -6.26 7.73
C ASP A 182 16.59 -4.83 7.17
N ILE A 183 15.71 -3.99 7.70
CA ILE A 183 15.57 -2.61 7.26
C ILE A 183 15.59 -1.71 8.50
N SER A 184 16.37 -0.63 8.45
CA SER A 184 16.37 0.35 9.56
C SER A 184 16.83 1.75 9.17
N CYS A 185 16.13 2.75 9.71
CA CYS A 185 16.47 4.16 9.53
C CYS A 185 16.14 4.96 10.78
N GLN A 186 16.89 6.03 11.00
CA GLN A 186 16.54 6.98 12.06
CA GLN A 186 16.58 7.01 12.04
C GLN A 186 15.41 7.87 11.59
N TYR A 187 14.48 8.16 12.49
CA TYR A 187 13.37 9.05 12.19
C TYR A 187 13.77 10.48 12.55
N LYS A 188 13.56 11.41 11.63
CA LYS A 188 14.07 12.78 11.80
C LYS A 188 13.04 13.88 11.48
N MET A 189 11.76 13.54 11.53
CA MET A 189 10.70 14.50 11.26
C MET A 189 9.88 14.77 12.52
N TYR A 190 8.82 15.56 12.37
CA TYR A 190 7.87 15.73 13.46
C TYR A 190 7.20 14.39 13.76
N PRO A 191 6.56 14.26 14.94
CA PRO A 191 5.90 13.00 15.30
C PRO A 191 4.85 12.52 14.28
N MET A 192 4.92 11.24 13.94
CA MET A 192 3.87 10.57 13.20
C MET A 192 3.19 9.54 14.10
N HIS A 193 1.88 9.38 13.97
CA HIS A 193 1.17 8.31 14.65
C HIS A 193 0.71 7.25 13.66
N VAL A 194 1.24 6.04 13.83
CA VAL A 194 0.92 4.91 12.97
C VAL A 194 -0.46 4.37 13.34
N PHE A 195 -1.37 4.30 12.37
CA PHE A 195 -2.70 3.74 12.65
C PHE A 195 -3.03 2.46 11.86
N ALA A 196 -2.27 2.20 10.80
CA ALA A 196 -2.46 1.00 9.98
C ALA A 196 -1.16 0.56 9.31
N TYR A 197 -1.09 -0.71 8.93
CA TYR A 197 0.09 -1.26 8.26
C TYR A 197 -0.31 -2.31 7.22
N ARG A 198 0.50 -2.45 6.17
CA ARG A 198 0.36 -3.48 5.16
C ARG A 198 1.71 -4.14 4.92
N VAL A 199 1.73 -5.46 4.75
CA VAL A 199 2.97 -6.16 4.44
C VAL A 199 2.92 -6.71 3.01
N HIS A 200 4.07 -6.75 2.34
CA HIS A 200 4.14 -7.32 1.00
C HIS A 200 5.44 -8.11 0.76
N THR A 201 5.27 -9.39 0.44
CA THR A 201 6.32 -10.22 -0.12
C THR A 201 5.69 -11.05 -1.23
N HIS A 202 6.50 -11.83 -1.92
CA HIS A 202 5.98 -12.84 -2.85
C HIS A 202 5.91 -14.21 -2.14
N HIS A 203 5.98 -15.30 -2.89
CA HIS A 203 5.66 -16.60 -2.27
C HIS A 203 6.65 -17.16 -1.24
N LEU A 204 7.85 -16.60 -1.16
CA LEU A 204 8.87 -17.10 -0.21
C LEU A 204 8.79 -16.47 1.18
N GLY A 205 8.00 -15.41 1.33
CA GLY A 205 7.87 -14.71 2.61
C GLY A 205 7.10 -15.50 3.64
N LYS A 206 7.60 -15.49 4.88
CA LYS A 206 6.99 -16.25 5.97
C LYS A 206 6.37 -15.34 7.02
N VAL A 207 7.10 -14.29 7.40
CA VAL A 207 6.62 -13.28 8.34
C VAL A 207 7.29 -11.93 8.10
N VAL A 208 6.53 -10.85 8.34
CA VAL A 208 7.02 -9.48 8.25
C VAL A 208 6.65 -8.72 9.53
N SER A 209 7.66 -8.09 10.15
CA SER A 209 7.45 -7.34 11.39
C SER A 209 8.07 -5.96 11.31
N GLY A 210 7.38 -4.97 11.88
CA GLY A 210 7.91 -3.62 11.96
C GLY A 210 7.88 -3.16 13.40
N TYR A 211 8.90 -2.42 13.81
CA TYR A 211 9.03 -1.95 15.18
C TYR A 211 9.48 -0.51 15.22
N ARG A 212 9.14 0.18 16.31
CA ARG A 212 9.79 1.43 16.68
C ARG A 212 10.74 1.12 17.83
N VAL A 213 12.01 1.47 17.66
CA VAL A 213 13.02 1.26 18.70
C VAL A 213 13.40 2.61 19.32
N ARG A 214 13.21 2.71 20.64
CA ARG A 214 13.50 3.94 21.39
C ARG A 214 14.22 3.55 22.68
N ASN A 215 15.43 4.06 22.85
CA ASN A 215 16.30 3.70 23.99
C ASN A 215 16.50 2.19 24.09
N GLY A 216 16.62 1.55 22.93
CA GLY A 216 16.82 0.10 22.85
C GLY A 216 15.60 -0.75 23.08
N GLN A 217 14.44 -0.13 23.32
CA GLN A 217 13.19 -0.88 23.53
CA GLN A 217 13.18 -0.86 23.54
C GLN A 217 12.38 -0.97 22.25
N TRP A 218 11.99 -2.19 21.90
CA TRP A 218 11.26 -2.49 20.68
C TRP A 218 9.77 -2.46 20.94
N THR A 219 9.06 -1.62 20.18
CA THR A 219 7.60 -1.52 20.24
C THR A 219 7.01 -1.98 18.92
N LEU A 220 6.12 -2.97 18.98
CA LEU A 220 5.50 -3.54 17.79
C LEU A 220 4.55 -2.57 17.09
N ILE A 221 4.85 -2.30 15.82
CA ILE A 221 3.97 -1.56 14.94
C ILE A 221 3.00 -2.57 14.32
N GLY A 222 3.56 -3.58 13.66
CA GLY A 222 2.75 -4.60 13.02
C GLY A 222 3.55 -5.85 12.73
N ARG A 223 2.88 -6.99 12.74
CA ARG A 223 3.50 -8.28 12.50
C ARG A 223 2.47 -9.14 11.79
N GLN A 224 2.82 -9.61 10.58
CA GLN A 224 1.86 -10.30 9.75
C GLN A 224 2.51 -11.36 8.86
N ASN A 225 1.74 -12.41 8.58
CA ASN A 225 2.09 -13.39 7.55
C ASN A 225 1.74 -12.77 6.22
N PRO A 226 2.74 -12.61 5.33
CA PRO A 226 2.52 -11.97 4.04
C PRO A 226 1.77 -12.87 3.04
N GLN A 227 1.54 -14.13 3.42
CA GLN A 227 0.76 -15.05 2.59
C GLN A 227 -0.74 -14.96 2.90
N LEU A 228 -1.08 -14.24 3.97
CA LEU A 228 -2.47 -13.87 4.26
C LEU A 228 -2.84 -12.65 3.38
N PRO A 229 -4.15 -12.37 3.20
CA PRO A 229 -4.54 -11.22 2.37
C PRO A 229 -3.82 -9.94 2.78
N GLN A 230 -3.21 -9.25 1.82
CA GLN A 230 -2.36 -8.08 2.09
C GLN A 230 -3.16 -6.78 2.12
N ALA A 231 -4.04 -6.69 3.11
CA ALA A 231 -4.83 -5.50 3.36
C ALA A 231 -4.01 -4.58 4.27
N PHE A 232 -4.48 -3.35 4.42
CA PHE A 232 -4.05 -2.51 5.54
C PHE A 232 -4.75 -2.96 6.81
N TYR A 233 -3.96 -3.37 7.80
CA TYR A 233 -4.50 -3.84 9.07
C TYR A 233 -4.38 -2.76 10.14
N PRO A 234 -5.40 -2.65 11.02
CA PRO A 234 -5.27 -1.63 12.07
C PRO A 234 -4.15 -1.98 13.03
N VAL A 235 -3.45 -0.97 13.54
CA VAL A 235 -2.43 -1.18 14.56
C VAL A 235 -3.15 -1.51 15.87
N GLU A 236 -2.65 -2.52 16.59
CA GLU A 236 -3.24 -2.95 17.85
CA GLU A 236 -3.25 -2.96 17.85
C GLU A 236 -3.48 -1.78 18.81
N HIS A 237 -2.48 -0.92 18.93
CA HIS A 237 -2.55 0.27 19.77
CA HIS A 237 -2.60 0.29 19.73
C HIS A 237 -1.82 1.41 19.04
N PRO A 238 -2.36 2.66 19.11
CA PRO A 238 -1.65 3.73 18.40
C PRO A 238 -0.19 3.88 18.86
N VAL A 239 0.70 4.13 17.90
CA VAL A 239 2.15 4.20 18.16
C VAL A 239 2.68 5.50 17.55
N ASP A 240 3.28 6.34 18.38
CA ASP A 240 3.97 7.52 17.88
C ASP A 240 5.41 7.17 17.51
N VAL A 241 5.89 7.74 16.43
CA VAL A 241 7.30 7.65 16.08
C VAL A 241 7.82 9.08 16.08
N THR A 242 8.95 9.27 16.75
CA THR A 242 9.38 10.61 17.13
C THR A 242 10.88 10.80 16.82
N PHE A 243 11.29 12.06 16.61
CA PHE A 243 12.68 12.39 16.36
CA PHE A 243 12.69 12.44 16.40
C PHE A 243 13.62 11.59 17.27
N GLY A 244 14.61 10.96 16.64
CA GLY A 244 15.57 10.15 17.40
C GLY A 244 15.25 8.68 17.50
N ASP A 245 14.00 8.31 17.20
CA ASP A 245 13.60 6.91 17.12
C ASP A 245 14.23 6.25 15.90
N ILE A 246 14.38 4.94 15.98
CA ILE A 246 14.74 4.14 14.83
C ILE A 246 13.55 3.27 14.46
N LEU A 247 13.24 3.21 13.18
CA LEU A 247 12.24 2.28 12.69
C LEU A 247 12.97 1.05 12.19
N ALA A 248 12.50 -0.12 12.59
CA ALA A 248 13.16 -1.37 12.23
C ALA A 248 12.16 -2.39 11.75
N ALA A 249 12.52 -3.07 10.66
CA ALA A 249 11.67 -4.08 10.06
C ALA A 249 12.47 -5.29 9.60
N ARG A 250 11.87 -6.46 9.71
CA ARG A 250 12.48 -7.71 9.27
C ARG A 250 11.48 -8.56 8.48
N CYS A 251 11.87 -8.98 7.28
CA CYS A 251 11.15 -10.03 6.56
C CYS A 251 11.92 -11.33 6.66
N VAL A 252 11.20 -12.41 6.93
CA VAL A 252 11.79 -13.73 7.01
C VAL A 252 11.36 -14.51 5.76
N PHE A 253 12.36 -14.97 5.02
CA PHE A 253 12.14 -15.76 3.82
C PHE A 253 12.70 -17.16 4.02
N THR A 254 12.30 -18.08 3.14
CA THR A 254 13.01 -19.34 2.94
C THR A 254 13.43 -19.44 1.48
N GLY A 255 14.42 -20.29 1.19
CA GLY A 255 14.79 -20.60 -0.18
C GLY A 255 14.24 -21.94 -0.62
N GLU A 256 13.57 -22.63 0.30
CA GLU A 256 13.05 -23.97 0.07
C GLU A 256 12.07 -24.02 -1.10
N GLY A 257 12.32 -24.95 -2.02
CA GLY A 257 11.51 -25.11 -3.22
C GLY A 257 12.09 -24.44 -4.46
N ARG A 258 13.15 -23.65 -4.28
CA ARG A 258 13.80 -22.93 -5.37
C ARG A 258 15.11 -23.61 -5.75
N THR A 259 15.35 -23.71 -7.06
CA THR A 259 16.57 -24.33 -7.57
C THR A 259 17.69 -23.30 -7.73
N GLU A 260 17.32 -22.03 -7.86
CA GLU A 260 18.26 -20.92 -8.04
C GLU A 260 18.02 -19.82 -6.99
N ALA A 261 18.98 -18.91 -6.86
CA ALA A 261 18.88 -17.81 -5.89
C ALA A 261 17.76 -16.84 -6.24
N THR A 262 17.13 -16.28 -5.22
CA THR A 262 16.05 -15.30 -5.39
C THR A 262 16.45 -13.93 -4.85
N HIS A 263 16.35 -12.90 -5.68
CA HIS A 263 16.69 -11.55 -5.28
C HIS A 263 15.51 -10.61 -5.40
N ILE A 264 15.71 -9.35 -5.04
CA ILE A 264 14.63 -8.36 -5.06
C ILE A 264 14.30 -7.99 -6.52
N GLY A 265 13.01 -8.02 -6.84
CA GLY A 265 12.53 -7.61 -8.17
C GLY A 265 11.02 -7.61 -8.27
N GLY A 266 10.51 -7.40 -9.48
CA GLY A 266 9.08 -7.21 -9.68
C GLY A 266 8.26 -8.45 -9.99
N THR A 267 8.92 -9.54 -10.37
CA THR A 267 8.22 -10.73 -10.85
C THR A 267 7.99 -11.75 -9.73
N SER A 268 7.25 -12.81 -10.03
CA SER A 268 6.91 -13.84 -9.05
C SER A 268 8.10 -14.72 -8.67
N SER A 269 9.10 -14.75 -9.56
CA SER A 269 10.33 -15.49 -9.30
C SER A 269 11.33 -14.62 -8.55
N ASP A 270 10.88 -13.39 -8.24
CA ASP A 270 11.64 -12.46 -7.42
C ASP A 270 10.95 -12.31 -6.08
N GLU A 271 11.59 -11.59 -5.18
CA GLU A 271 10.97 -11.28 -3.91
C GLU A 271 10.92 -9.79 -3.66
N MET A 272 10.12 -9.43 -2.66
CA MET A 272 10.06 -8.10 -2.13
C MET A 272 9.95 -8.20 -0.62
N CYS A 273 10.52 -7.22 0.08
CA CYS A 273 10.30 -7.08 1.50
C CYS A 273 9.82 -5.66 1.71
N ASN A 274 8.49 -5.49 1.72
CA ASN A 274 7.85 -4.19 1.82
C ASN A 274 6.97 -4.16 3.06
N LEU A 275 7.15 -3.12 3.87
CA LEU A 275 6.23 -2.82 4.96
C LEU A 275 5.70 -1.39 4.82
N TYR A 276 4.38 -1.26 4.66
CA TYR A 276 3.73 0.03 4.48
C TYR A 276 3.13 0.47 5.79
N ILE A 277 3.67 1.56 6.34
CA ILE A 277 3.27 2.09 7.64
C ILE A 277 2.40 3.33 7.38
N MET A 278 1.09 3.18 7.54
CA MET A 278 0.18 4.31 7.33
C MET A 278 0.04 5.14 8.59
N TYR A 279 0.37 6.43 8.48
CA TYR A 279 0.37 7.33 9.62
C TYR A 279 -0.50 8.57 9.45
N TYR A 280 -0.76 9.28 10.54
CA TYR A 280 -1.25 10.64 10.49
C TYR A 280 -0.29 11.58 11.21
N MET A 281 -0.30 12.83 10.77
CA MET A 281 0.50 13.90 11.39
C MET A 281 -0.35 15.16 11.52
N GLU A 282 -0.02 16.02 12.50
CA GLU A 282 -0.66 17.34 12.56
C GLU A 282 -0.45 18.03 11.23
N ALA A 283 -1.50 18.66 10.69
CA ALA A 283 -1.41 19.29 9.36
C ALA A 283 -0.22 20.25 9.20
N LYS A 284 0.03 21.11 10.20
CA LYS A 284 1.15 22.05 10.12
C LYS A 284 2.54 21.41 10.21
N TYR A 285 2.58 20.12 10.53
CA TYR A 285 3.85 19.39 10.64
C TYR A 285 4.01 18.32 9.56
N ALA A 286 2.93 18.04 8.86
CA ALA A 286 2.81 16.86 7.99
C ALA A 286 3.72 16.85 6.78
N LEU A 287 4.26 15.67 6.48
CA LEU A 287 4.76 15.34 5.17
C LEU A 287 4.10 14.04 4.74
N SER A 288 3.85 13.91 3.44
CA SER A 288 2.98 12.85 2.93
C SER A 288 3.65 11.49 2.75
N PHE A 289 4.97 11.46 2.62
CA PHE A 289 5.66 10.19 2.41
C PHE A 289 7.10 10.21 2.88
N MET A 290 7.52 9.07 3.44
CA MET A 290 8.92 8.82 3.80
C MET A 290 9.25 7.39 3.38
N THR A 291 10.52 7.13 3.06
CA THR A 291 10.97 5.83 2.62
C THR A 291 12.29 5.46 3.30
N CYS A 292 12.41 4.21 3.72
CA CYS A 292 13.64 3.65 4.21
C CYS A 292 14.03 2.44 3.36
N THR A 293 15.13 2.57 2.63
CA THR A 293 15.70 1.48 1.84
C THR A 293 17.08 1.06 2.36
N LYS A 294 17.35 1.36 3.62
CA LYS A 294 18.66 1.12 4.21
C LYS A 294 18.58 0.26 5.47
N ASN A 295 19.76 -0.04 6.01
CA ASN A 295 19.90 -0.73 7.28
C ASN A 295 21.00 -0.05 8.08
N VAL A 296 20.64 1.01 8.80
CA VAL A 296 21.61 1.91 9.43
C VAL A 296 22.17 1.38 10.76
N ALA A 297 21.37 0.59 11.48
CA ALA A 297 21.81 -0.03 12.72
C ALA A 297 21.61 -1.55 12.70
N PRO A 298 22.48 -2.27 11.95
CA PRO A 298 22.28 -3.71 11.75
C PRO A 298 22.54 -4.54 13.01
N ASP A 299 23.47 -4.06 13.85
CA ASP A 299 23.80 -4.74 15.10
C ASP A 299 22.64 -4.66 16.10
N MET A 300 21.83 -3.60 15.98
CA MET A 300 20.63 -3.40 16.79
C MET A 300 19.67 -4.59 16.72
N PHE A 301 19.66 -5.29 15.58
CA PHE A 301 18.80 -6.44 15.35
C PHE A 301 19.11 -7.69 16.20
N ARG A 302 20.15 -7.60 17.04
CA ARG A 302 20.47 -8.68 17.97
C ARG A 302 19.46 -8.79 19.10
N THR A 303 18.74 -7.69 19.34
CA THR A 303 17.75 -7.62 20.42
C THR A 303 16.31 -7.59 19.89
N ILE A 304 16.13 -7.83 18.59
CA ILE A 304 14.80 -7.93 17.98
C ILE A 304 13.98 -9.01 18.70
N PRO A 305 12.72 -8.71 19.08
CA PRO A 305 11.86 -9.71 19.71
C PRO A 305 11.82 -11.03 18.93
N ALA A 306 11.72 -12.15 19.66
CA ALA A 306 11.75 -13.48 19.07
C ALA A 306 10.57 -13.75 18.16
N GLU A 307 9.44 -13.08 18.41
CA GLU A 307 8.23 -13.18 17.58
C GLU A 307 8.48 -12.80 16.11
N ALA A 308 9.52 -11.99 15.88
CA ALA A 308 9.88 -11.54 14.53
C ALA A 308 10.48 -12.67 13.68
N ASN A 309 10.84 -13.78 14.33
CA ASN A 309 11.44 -14.93 13.66
C ASN A 309 10.50 -16.13 13.63
N ILE A 310 9.37 -15.99 14.31
CA ILE A 310 8.38 -17.07 14.47
C ILE A 310 7.19 -16.82 13.55
N PRO A 311 6.79 -17.84 12.76
CA PRO A 311 5.65 -17.69 11.85
C PRO A 311 4.34 -17.55 12.60
N ILE A 312 3.38 -16.82 12.01
CA ILE A 312 2.05 -16.70 12.59
C ILE A 312 1.27 -18.01 12.36
N PRO A 313 0.79 -18.63 13.46
CA PRO A 313 0.03 -19.89 13.40
C PRO A 313 -1.34 -19.72 12.73
CU CU B . -4.68 -10.19 -5.01
CU CU C . 5.81 -7.49 -5.21
NI NI D . 0.49 9.80 20.83
C CMO E . 4.79 -7.17 -6.68
O CMO E . 5.47 -6.66 -7.56
C CMO F . 1.22 10.24 22.47
O CMO F . 0.64 9.72 23.42
C ACT G . 2.72 -3.78 -3.88
O ACT G . 2.05 -4.83 -3.96
OXT ACT G . 2.90 -3.32 -2.73
CH3 ACT G . 3.29 -3.09 -5.10
C1 GOL H . -6.99 4.05 4.24
O1 GOL H . -6.63 3.47 3.01
C2 GOL H . -7.53 2.99 5.21
O2 GOL H . -8.53 2.23 4.57
C3 GOL H . -6.39 2.06 5.65
O3 GOL H . -6.79 1.33 6.79
C1 GOL I . -0.97 11.32 -0.87
O1 GOL I . -0.44 11.72 0.37
C2 GOL I . 0.11 11.30 -1.96
O2 GOL I . -0.40 10.68 -3.12
C3 GOL I . 0.67 12.69 -2.31
O3 GOL I . -0.30 13.60 -2.77
C1 GOL J . 12.46 10.15 8.17
O1 GOL J . 13.15 11.20 8.83
C2 GOL J . 13.44 9.05 7.82
O2 GOL J . 13.22 7.92 8.63
C3 GOL J . 13.35 8.66 6.34
O3 GOL J . 14.20 7.57 6.08
#